data_2QAZ
#
_entry.id   2QAZ
#
_cell.length_a   131.213
_cell.length_b   131.213
_cell.length_c   131.213
_cell.angle_alpha   90.00
_cell.angle_beta   90.00
_cell.angle_gamma   90.00
#
_symmetry.space_group_name_H-M   'P 21 3'
#
loop_
_entity.id
_entity.type
_entity.pdbx_description
1 polymer 'SspB Protein'
2 water water
#
_entity_poly.entity_id   1
_entity_poly.type   'polypeptide(L)'
_entity_poly.pdbx_seq_one_letter_code
;GSHMSQTEPPEDLMQYEAMAQDALRGVVKAALKKAAAPGGLPEPHHLYITFKTKAAGVSGPQDLLSKYPDEMTIVLQHQY
WDLAPGETFFSVTLKFGGQPKRLSVPYAALTRFYDPSVQFALQFSAPE
;
_entity_poly.pdbx_strand_id   A,B,C,D
#
# COMPACT_ATOMS: atom_id res chain seq x y z
N GLU A 11 4.26 -13.04 8.87
CA GLU A 11 4.83 -13.22 7.51
C GLU A 11 3.77 -13.40 6.43
N ASP A 12 4.19 -13.25 5.18
CA ASP A 12 3.30 -13.38 4.03
C ASP A 12 3.45 -14.74 3.35
N LEU A 13 2.46 -15.59 3.56
CA LEU A 13 2.46 -16.93 2.98
C LEU A 13 2.28 -16.88 1.47
N MET A 14 1.83 -15.73 0.99
CA MET A 14 1.62 -15.52 -0.44
C MET A 14 2.95 -15.21 -1.13
N GLN A 15 3.89 -14.65 -0.36
CA GLN A 15 5.23 -14.27 -0.84
C GLN A 15 5.19 -13.28 -2.00
N TYR A 16 4.51 -12.16 -1.81
CA TYR A 16 4.41 -11.16 -2.86
C TYR A 16 5.73 -10.51 -3.20
N GLU A 17 6.54 -10.19 -2.19
CA GLU A 17 7.85 -9.59 -2.44
C GLU A 17 8.62 -10.46 -3.42
N ALA A 18 8.51 -11.78 -3.25
CA ALA A 18 9.21 -12.71 -4.12
C ALA A 18 8.57 -12.85 -5.51
N MET A 19 7.25 -12.86 -5.56
CA MET A 19 6.58 -12.98 -6.85
C MET A 19 6.80 -11.69 -7.64
N ALA A 20 6.83 -10.56 -6.94
CA ALA A 20 7.04 -9.28 -7.60
C ALA A 20 8.43 -9.26 -8.20
N GLN A 21 9.38 -9.78 -7.46
CA GLN A 21 10.76 -9.82 -7.88
C GLN A 21 10.93 -10.68 -9.13
N ASP A 22 10.33 -11.86 -9.13
CA ASP A 22 10.44 -12.74 -10.28
C ASP A 22 9.75 -12.11 -11.49
N ALA A 23 8.60 -11.50 -11.25
CA ALA A 23 7.84 -10.87 -12.32
C ALA A 23 8.63 -9.72 -12.95
N LEU A 24 9.35 -8.96 -12.13
CA LEU A 24 10.11 -7.85 -12.65
C LEU A 24 11.19 -8.29 -13.66
N ARG A 25 11.45 -9.59 -13.76
CA ARG A 25 12.41 -10.07 -14.77
C ARG A 25 11.93 -9.58 -16.13
N GLY A 26 10.63 -9.32 -16.23
CA GLY A 26 10.05 -8.87 -17.48
C GLY A 26 10.44 -7.47 -17.90
N VAL A 27 11.05 -6.72 -16.99
CA VAL A 27 11.49 -5.38 -17.34
C VAL A 27 12.67 -5.53 -18.27
N VAL A 28 13.55 -6.48 -17.96
CA VAL A 28 14.72 -6.74 -18.78
C VAL A 28 14.29 -7.11 -20.19
N LYS A 29 13.32 -8.01 -20.29
CA LYS A 29 12.79 -8.45 -21.58
C LYS A 29 12.25 -7.26 -22.38
N ALA A 30 11.49 -6.39 -21.72
CA ALA A 30 10.93 -5.24 -22.42
C ALA A 30 12.02 -4.25 -22.88
N ALA A 31 13.03 -4.05 -22.04
CA ALA A 31 14.12 -3.15 -22.40
C ALA A 31 14.83 -3.69 -23.64
N LEU A 32 15.21 -4.96 -23.62
CA LEU A 32 15.87 -5.55 -24.77
C LEU A 32 14.97 -5.44 -26.00
N LYS A 33 13.65 -5.49 -25.79
CA LYS A 33 12.73 -5.38 -26.92
C LYS A 33 12.92 -4.00 -27.55
N LYS A 34 13.10 -3.00 -26.68
CA LYS A 34 13.31 -1.64 -27.17
C LYS A 34 14.67 -1.56 -27.85
N ALA A 35 15.67 -2.19 -27.24
CA ALA A 35 17.01 -2.17 -27.82
C ALA A 35 17.09 -2.80 -29.20
N ALA A 36 16.20 -3.74 -29.49
CA ALA A 36 16.22 -4.41 -30.79
C ALA A 36 15.34 -3.75 -31.85
N ALA A 37 14.54 -2.78 -31.42
CA ALA A 37 13.66 -2.06 -32.33
C ALA A 37 14.46 -0.95 -32.99
N PRO A 38 13.98 -0.41 -34.12
CA PRO A 38 14.67 0.67 -34.82
C PRO A 38 15.09 1.78 -33.86
N GLY A 39 16.35 2.19 -33.93
CA GLY A 39 16.82 3.22 -33.04
C GLY A 39 17.58 2.74 -31.81
N GLY A 40 17.43 1.47 -31.47
CA GLY A 40 18.12 0.93 -30.32
C GLY A 40 17.74 1.63 -29.02
N LEU A 41 18.64 1.58 -28.05
CA LEU A 41 18.40 2.22 -26.75
C LEU A 41 18.59 3.72 -26.93
N PRO A 42 17.72 4.52 -26.29
CA PRO A 42 17.84 5.98 -26.40
C PRO A 42 19.06 6.46 -25.64
N GLU A 43 19.92 7.24 -26.29
CA GLU A 43 21.09 7.76 -25.60
C GLU A 43 20.56 8.45 -24.35
N PRO A 44 21.30 8.39 -23.24
CA PRO A 44 22.59 7.73 -23.05
C PRO A 44 22.41 6.42 -22.28
N HIS A 45 21.25 5.81 -22.43
CA HIS A 45 20.95 4.55 -21.74
C HIS A 45 21.80 3.35 -22.20
N HIS A 46 22.25 2.55 -21.24
CA HIS A 46 23.00 1.33 -21.53
C HIS A 46 22.67 0.37 -20.40
N LEU A 47 22.84 -0.93 -20.64
CA LEU A 47 22.44 -1.92 -19.65
C LEU A 47 23.46 -2.90 -19.14
N TYR A 48 23.42 -3.13 -17.82
CA TYR A 48 24.27 -4.13 -17.20
C TYR A 48 23.32 -5.30 -16.95
N ILE A 49 23.70 -6.50 -17.39
CA ILE A 49 22.89 -7.69 -17.16
C ILE A 49 23.78 -8.78 -16.57
N THR A 50 23.40 -9.28 -15.40
CA THR A 50 24.16 -10.33 -14.72
C THR A 50 23.35 -11.61 -14.66
N PHE A 51 24.00 -12.73 -14.96
CA PHE A 51 23.31 -14.02 -14.94
C PHE A 51 24.19 -15.19 -14.45
N LYS A 52 23.55 -16.29 -14.09
CA LYS A 52 24.24 -17.49 -13.64
C LYS A 52 24.75 -18.24 -14.86
N THR A 53 26.06 -18.28 -15.02
CA THR A 53 26.68 -18.96 -16.15
C THR A 53 26.26 -20.41 -16.32
N LYS A 54 26.02 -21.11 -15.22
CA LYS A 54 25.64 -22.51 -15.32
C LYS A 54 24.16 -22.83 -15.27
N ALA A 55 23.31 -21.81 -15.19
CA ALA A 55 21.87 -22.04 -15.14
C ALA A 55 21.41 -22.75 -16.40
N ALA A 56 20.32 -23.48 -16.28
CA ALA A 56 19.76 -24.22 -17.43
C ALA A 56 19.44 -23.28 -18.57
N GLY A 57 19.89 -23.64 -19.78
CA GLY A 57 19.58 -22.82 -20.92
C GLY A 57 20.59 -21.79 -21.36
N VAL A 58 21.46 -21.29 -20.49
CA VAL A 58 22.42 -20.31 -20.98
C VAL A 58 23.38 -21.08 -21.87
N SER A 59 23.81 -20.45 -22.96
CA SER A 59 24.72 -21.12 -23.87
C SER A 59 25.59 -20.14 -24.63
N GLY A 60 26.82 -20.56 -24.89
CA GLY A 60 27.76 -19.73 -25.60
C GLY A 60 29.04 -20.52 -25.66
N PRO A 61 30.15 -19.92 -26.07
CA PRO A 61 31.44 -20.62 -26.17
C PRO A 61 31.90 -21.19 -24.82
N GLN A 62 32.22 -22.49 -24.80
CA GLN A 62 32.69 -23.16 -23.58
C GLN A 62 33.89 -22.43 -23.01
N ASP A 63 34.81 -22.07 -23.89
CA ASP A 63 36.03 -21.37 -23.51
C ASP A 63 35.72 -20.10 -22.72
N LEU A 64 34.73 -19.35 -23.18
CA LEU A 64 34.35 -18.12 -22.51
C LEU A 64 33.62 -18.40 -21.21
N LEU A 65 32.60 -19.24 -21.27
CA LEU A 65 31.82 -19.57 -20.08
C LEU A 65 32.62 -20.23 -18.96
N SER A 66 33.65 -20.99 -19.32
CA SER A 66 34.48 -21.66 -18.31
C SER A 66 35.23 -20.69 -17.42
N LYS A 67 35.56 -19.52 -17.96
CA LYS A 67 36.28 -18.49 -17.22
C LYS A 67 35.36 -17.78 -16.24
N TYR A 68 34.07 -18.04 -16.36
CA TYR A 68 33.06 -17.43 -15.49
C TYR A 68 32.25 -18.53 -14.81
N PRO A 69 32.86 -19.22 -13.84
CA PRO A 69 32.31 -20.32 -13.04
C PRO A 69 30.85 -20.20 -12.59
N ASP A 70 30.44 -19.07 -12.05
CA ASP A 70 29.05 -18.95 -11.62
C ASP A 70 28.31 -17.75 -12.21
N GLU A 71 28.72 -16.53 -11.88
CA GLU A 71 28.04 -15.36 -12.42
C GLU A 71 28.86 -14.57 -13.44
N MET A 72 28.15 -13.97 -14.39
CA MET A 72 28.78 -13.18 -15.43
C MET A 72 27.94 -11.92 -15.72
N THR A 73 28.62 -10.80 -15.90
CA THR A 73 27.93 -9.55 -16.19
C THR A 73 28.28 -9.05 -17.59
N ILE A 74 27.27 -8.76 -18.39
CA ILE A 74 27.49 -8.24 -19.73
C ILE A 74 26.88 -6.86 -19.81
N VAL A 75 27.32 -6.07 -20.79
CA VAL A 75 26.84 -4.72 -20.95
C VAL A 75 26.41 -4.41 -22.38
N LEU A 76 25.22 -3.83 -22.51
CA LEU A 76 24.72 -3.46 -23.81
C LEU A 76 24.77 -1.92 -23.88
N GLN A 77 25.64 -1.41 -24.73
CA GLN A 77 25.79 0.03 -24.89
C GLN A 77 25.96 0.30 -26.38
N HIS A 78 27.15 0.10 -26.92
CA HIS A 78 27.31 0.31 -28.35
C HIS A 78 27.87 -0.94 -29.02
N GLN A 79 28.88 -1.56 -28.40
CA GLN A 79 29.52 -2.75 -28.95
C GLN A 79 28.72 -4.06 -28.85
N TYR A 80 27.54 -4.10 -29.45
CA TYR A 80 26.75 -5.34 -29.44
C TYR A 80 26.00 -5.47 -30.76
N TRP A 81 25.78 -6.71 -31.20
CA TRP A 81 25.12 -6.96 -32.48
C TRP A 81 24.08 -8.06 -32.43
N ASP A 82 23.16 -7.99 -33.39
CA ASP A 82 22.09 -8.96 -33.55
C ASP A 82 21.36 -9.34 -32.28
N LEU A 83 20.85 -8.35 -31.55
CA LEU A 83 20.11 -8.66 -30.34
C LEU A 83 18.79 -9.36 -30.73
N ALA A 84 18.50 -10.50 -30.12
CA ALA A 84 17.27 -11.22 -30.44
C ALA A 84 16.58 -11.57 -29.13
N PRO A 85 15.71 -10.67 -28.65
CA PRO A 85 14.98 -10.83 -27.40
C PRO A 85 13.63 -11.51 -27.52
N GLY A 86 13.59 -12.80 -27.20
CA GLY A 86 12.35 -13.56 -27.28
C GLY A 86 11.61 -13.48 -25.97
N GLU A 87 10.59 -14.30 -25.79
CA GLU A 87 9.81 -14.28 -24.55
C GLU A 87 10.40 -15.13 -23.43
N THR A 88 11.30 -16.05 -23.78
CA THR A 88 11.89 -16.92 -22.78
C THR A 88 13.38 -16.72 -22.62
N PHE A 89 14.05 -16.32 -23.69
CA PHE A 89 15.48 -16.08 -23.64
C PHE A 89 15.86 -15.08 -24.72
N PHE A 90 17.05 -14.49 -24.61
CA PHE A 90 17.52 -13.55 -25.62
C PHE A 90 18.90 -13.99 -26.03
N SER A 91 19.31 -13.57 -27.22
CA SER A 91 20.62 -13.91 -27.73
C SER A 91 21.23 -12.60 -28.20
N VAL A 92 22.54 -12.50 -28.10
CA VAL A 92 23.22 -11.28 -28.51
C VAL A 92 24.69 -11.59 -28.77
N THR A 93 25.33 -10.73 -29.57
CA THR A 93 26.74 -10.89 -29.89
C THR A 93 27.50 -9.74 -29.28
N LEU A 94 28.52 -10.08 -28.49
CA LEU A 94 29.35 -9.11 -27.80
C LEU A 94 30.80 -9.46 -28.07
N LYS A 95 31.70 -8.53 -27.77
CA LYS A 95 33.10 -8.81 -27.97
C LYS A 95 33.79 -9.08 -26.63
N PHE A 96 34.73 -10.01 -26.66
CA PHE A 96 35.48 -10.36 -25.47
C PHE A 96 36.91 -10.45 -25.94
N GLY A 97 37.76 -9.63 -25.34
CA GLY A 97 39.15 -9.61 -25.76
C GLY A 97 39.18 -9.22 -27.22
N GLY A 98 38.19 -8.43 -27.64
CA GLY A 98 38.10 -7.99 -29.02
C GLY A 98 37.54 -9.07 -29.92
N GLN A 99 37.21 -10.22 -29.34
CA GLN A 99 36.66 -11.35 -30.07
C GLN A 99 35.14 -11.44 -29.96
N PRO A 100 34.42 -11.38 -31.10
CA PRO A 100 32.95 -11.46 -31.12
C PRO A 100 32.47 -12.85 -30.71
N LYS A 101 31.49 -12.91 -29.83
CA LYS A 101 30.97 -14.20 -29.35
C LYS A 101 29.48 -14.16 -29.06
N ARG A 102 28.78 -15.23 -29.45
CA ARG A 102 27.33 -15.35 -29.27
C ARG A 102 26.86 -15.95 -27.97
N LEU A 103 25.98 -15.24 -27.28
CA LEU A 103 25.43 -15.75 -26.04
C LEU A 103 23.91 -15.79 -26.09
N SER A 104 23.34 -16.76 -25.38
CA SER A 104 21.90 -16.89 -25.27
C SER A 104 21.71 -17.11 -23.78
N VAL A 105 20.86 -16.32 -23.16
CA VAL A 105 20.63 -16.51 -21.74
C VAL A 105 19.16 -16.32 -21.48
N PRO A 106 18.57 -17.21 -20.66
CA PRO A 106 17.14 -17.14 -20.33
C PRO A 106 16.90 -16.09 -19.26
N TYR A 107 15.77 -15.41 -19.33
CA TYR A 107 15.45 -14.41 -18.32
C TYR A 107 15.47 -15.07 -16.94
N ALA A 108 15.21 -16.37 -16.90
CA ALA A 108 15.18 -17.09 -15.63
C ALA A 108 16.55 -17.25 -14.97
N ALA A 109 17.61 -17.03 -15.74
CA ALA A 109 18.96 -17.16 -15.22
C ALA A 109 19.55 -15.84 -14.71
N LEU A 110 18.80 -14.75 -14.88
CA LEU A 110 19.27 -13.43 -14.47
C LEU A 110 19.32 -13.26 -12.97
N THR A 111 20.20 -12.39 -12.50
CA THR A 111 20.32 -12.11 -11.07
C THR A 111 20.39 -10.61 -10.80
N ARG A 112 20.75 -9.83 -11.80
CA ARG A 112 20.85 -8.37 -11.65
C ARG A 112 20.57 -7.63 -12.95
N PHE A 113 20.08 -6.41 -12.82
CA PHE A 113 19.81 -5.54 -13.97
C PHE A 113 20.10 -4.13 -13.48
N TYR A 114 20.81 -3.35 -14.28
CA TYR A 114 21.15 -1.99 -13.86
C TYR A 114 21.32 -1.07 -15.06
N ASP A 115 20.70 0.11 -14.99
CA ASP A 115 20.81 1.12 -16.05
C ASP A 115 21.35 2.34 -15.31
N PRO A 116 22.64 2.62 -15.46
CA PRO A 116 23.34 3.75 -14.84
C PRO A 116 22.72 5.12 -15.11
N SER A 117 22.25 5.33 -16.34
CA SER A 117 21.66 6.62 -16.72
C SER A 117 20.69 7.17 -15.70
N VAL A 118 19.77 6.34 -15.24
CA VAL A 118 18.78 6.79 -14.26
C VAL A 118 18.92 6.00 -12.96
N GLN A 119 20.01 5.27 -12.83
CA GLN A 119 20.23 4.47 -11.64
C GLN A 119 19.06 3.51 -11.31
N PHE A 120 18.55 2.83 -12.33
CA PHE A 120 17.47 1.88 -12.14
C PHE A 120 18.08 0.51 -11.86
N ALA A 121 17.68 -0.13 -10.75
CA ALA A 121 18.26 -1.43 -10.40
C ALA A 121 17.27 -2.53 -10.04
N LEU A 122 17.58 -3.76 -10.43
CA LEU A 122 16.72 -4.91 -10.13
C LEU A 122 17.57 -6.13 -9.74
N GLN A 123 17.27 -6.70 -8.58
CA GLN A 123 17.99 -7.90 -8.15
C GLN A 123 17.01 -9.06 -8.33
N PHE A 124 17.50 -10.23 -8.75
CA PHE A 124 16.65 -11.39 -8.95
C PHE A 124 17.18 -12.57 -8.13
N SER A 125 16.29 -13.48 -7.76
CA SER A 125 16.68 -14.64 -6.98
C SER A 125 17.56 -15.61 -7.77
N ALA A 126 17.03 -16.10 -8.89
CA ALA A 126 17.74 -17.03 -9.78
C ALA A 126 18.42 -18.23 -9.10
N PRO B 9 18.52 13.11 -13.74
CA PRO B 9 18.17 13.27 -15.18
C PRO B 9 16.72 13.73 -15.27
N PRO B 10 16.46 14.87 -15.91
CA PRO B 10 15.08 15.37 -16.03
C PRO B 10 14.12 14.37 -16.66
N GLU B 11 14.65 13.26 -17.16
CA GLU B 11 13.80 12.29 -17.83
C GLU B 11 14.43 10.92 -18.00
N ASP B 12 13.61 9.90 -17.85
CA ASP B 12 14.00 8.51 -18.00
C ASP B 12 13.39 8.14 -19.35
N LEU B 13 14.22 8.14 -20.39
CA LEU B 13 13.73 7.84 -21.72
C LEU B 13 13.33 6.38 -21.90
N MET B 14 13.72 5.51 -20.97
CA MET B 14 13.36 4.10 -21.09
C MET B 14 12.01 3.86 -20.43
N GLN B 15 11.56 4.82 -19.63
CA GLN B 15 10.28 4.72 -18.95
C GLN B 15 10.18 3.46 -18.07
N TYR B 16 11.22 3.21 -17.28
CA TYR B 16 11.23 2.03 -16.43
C TYR B 16 10.03 1.88 -15.50
N GLU B 17 9.48 2.97 -15.00
CA GLU B 17 8.32 2.85 -14.12
C GLU B 17 7.15 2.22 -14.89
N ALA B 18 6.96 2.64 -16.13
CA ALA B 18 5.86 2.10 -16.93
C ALA B 18 6.10 0.63 -17.24
N MET B 19 7.31 0.29 -17.69
CA MET B 19 7.61 -1.10 -18.00
C MET B 19 7.56 -1.95 -16.74
N ALA B 20 7.93 -1.38 -15.60
CA ALA B 20 7.90 -2.14 -14.34
C ALA B 20 6.46 -2.39 -13.96
N GLN B 21 5.66 -1.33 -14.03
CA GLN B 21 4.25 -1.39 -13.70
C GLN B 21 3.59 -2.48 -14.56
N ASP B 22 3.87 -2.47 -15.85
CA ASP B 22 3.29 -3.46 -16.75
C ASP B 22 3.77 -4.87 -16.45
N ALA B 23 5.03 -5.01 -16.09
CA ALA B 23 5.59 -6.32 -15.81
C ALA B 23 4.97 -6.95 -14.56
N LEU B 24 4.53 -6.10 -13.63
CA LEU B 24 3.93 -6.61 -12.41
C LEU B 24 2.59 -7.32 -12.65
N ARG B 25 2.04 -7.17 -13.85
CA ARG B 25 0.78 -7.85 -14.17
C ARG B 25 1.04 -9.33 -13.96
N GLY B 26 2.31 -9.72 -14.08
CA GLY B 26 2.69 -11.11 -13.89
C GLY B 26 2.55 -11.55 -12.45
N VAL B 27 2.41 -10.60 -11.54
CA VAL B 27 2.23 -10.94 -10.14
C VAL B 27 0.85 -11.55 -10.02
N VAL B 28 -0.11 -10.94 -10.71
CA VAL B 28 -1.48 -11.44 -10.69
C VAL B 28 -1.54 -12.83 -11.30
N LYS B 29 -0.83 -13.03 -12.40
CA LYS B 29 -0.81 -14.35 -13.05
C LYS B 29 -0.22 -15.38 -12.10
N ALA B 30 0.82 -14.98 -11.38
CA ALA B 30 1.47 -15.89 -10.46
C ALA B 30 0.56 -16.17 -9.24
N ALA B 31 -0.21 -15.18 -8.81
CA ALA B 31 -1.11 -15.37 -7.68
C ALA B 31 -2.25 -16.33 -8.04
N LEU B 32 -2.82 -16.16 -9.23
CA LEU B 32 -3.89 -17.02 -9.70
C LEU B 32 -3.45 -18.49 -9.86
N LYS B 33 -2.18 -18.72 -10.17
CA LYS B 33 -1.70 -20.08 -10.30
C LYS B 33 -1.63 -20.73 -8.93
N LYS B 34 -1.36 -19.94 -7.90
CA LYS B 34 -1.32 -20.51 -6.56
C LYS B 34 -2.76 -20.80 -6.13
N ALA B 35 -3.67 -19.91 -6.52
CA ALA B 35 -5.08 -20.05 -6.19
C ALA B 35 -5.74 -21.22 -6.93
N ALA B 36 -5.23 -21.53 -8.12
CA ALA B 36 -5.79 -22.61 -8.93
C ALA B 36 -5.43 -23.99 -8.42
N ALA B 37 -4.51 -24.04 -7.47
CA ALA B 37 -4.09 -25.31 -6.92
C ALA B 37 -5.10 -25.81 -5.87
N PRO B 38 -5.21 -27.13 -5.71
CA PRO B 38 -6.17 -27.62 -4.70
C PRO B 38 -5.65 -27.08 -3.37
N GLY B 39 -6.53 -26.53 -2.55
CA GLY B 39 -6.10 -25.97 -1.28
C GLY B 39 -6.18 -24.45 -1.39
N GLY B 40 -6.22 -23.98 -2.63
CA GLY B 40 -6.31 -22.56 -2.91
C GLY B 40 -5.31 -21.67 -2.23
N LEU B 41 -5.77 -20.47 -1.90
CA LEU B 41 -4.95 -19.47 -1.24
C LEU B 41 -4.92 -19.73 0.26
N PRO B 42 -3.81 -19.38 0.93
CA PRO B 42 -3.72 -19.60 2.38
C PRO B 42 -4.62 -18.57 3.07
N GLU B 43 -5.49 -19.03 3.97
CA GLU B 43 -6.37 -18.12 4.70
C GLU B 43 -5.43 -17.11 5.33
N PRO B 44 -5.83 -15.83 5.41
CA PRO B 44 -7.08 -15.20 4.96
C PRO B 44 -6.90 -14.38 3.67
N HIS B 45 -6.05 -14.86 2.77
CA HIS B 45 -5.78 -14.16 1.52
C HIS B 45 -6.94 -14.19 0.54
N HIS B 46 -7.52 -13.04 0.24
CA HIS B 46 -8.58 -12.98 -0.75
C HIS B 46 -8.16 -11.92 -1.76
N LEU B 47 -8.46 -12.15 -3.03
CA LEU B 47 -8.01 -11.24 -4.06
C LEU B 47 -9.04 -10.42 -4.80
N TYR B 48 -8.74 -9.14 -4.95
CA TYR B 48 -9.59 -8.21 -5.68
C TYR B 48 -8.88 -7.94 -6.98
N ILE B 49 -9.57 -8.19 -8.09
CA ILE B 49 -8.98 -7.97 -9.41
C ILE B 49 -9.92 -7.07 -10.21
N THR B 50 -9.39 -5.94 -10.66
CA THR B 50 -10.16 -4.99 -11.45
C THR B 50 -9.64 -4.97 -12.88
N PHE B 51 -10.54 -5.06 -13.84
CA PHE B 51 -10.16 -5.04 -15.25
C PHE B 51 -11.12 -4.17 -16.06
N LYS B 52 -10.70 -3.79 -17.27
CA LYS B 52 -11.53 -2.97 -18.15
C LYS B 52 -12.47 -3.90 -18.90
N THR B 53 -13.75 -3.78 -18.60
CA THR B 53 -14.79 -4.59 -19.20
C THR B 53 -14.81 -4.67 -20.72
N LYS B 54 -14.44 -3.59 -21.40
CA LYS B 54 -14.48 -3.62 -22.86
C LYS B 54 -13.19 -4.02 -23.59
N ALA B 55 -12.08 -4.07 -22.87
CA ALA B 55 -10.81 -4.46 -23.49
C ALA B 55 -10.96 -5.73 -24.31
N ALA B 56 -10.19 -5.84 -25.39
CA ALA B 56 -10.26 -7.02 -26.23
C ALA B 56 -9.98 -8.26 -25.40
N GLY B 57 -10.65 -9.36 -25.73
CA GLY B 57 -10.44 -10.60 -25.00
C GLY B 57 -11.43 -10.85 -23.88
N VAL B 58 -11.85 -9.79 -23.20
CA VAL B 58 -12.80 -9.93 -22.10
C VAL B 58 -14.07 -10.61 -22.62
N SER B 59 -14.51 -11.66 -21.92
CA SER B 59 -15.72 -12.37 -22.31
C SER B 59 -16.46 -12.94 -21.11
N GLY B 60 -17.78 -12.97 -21.20
CA GLY B 60 -18.60 -13.50 -20.12
C GLY B 60 -20.06 -13.25 -20.43
N PRO B 61 -20.95 -13.36 -19.44
CA PRO B 61 -22.38 -13.13 -19.67
C PRO B 61 -22.64 -11.65 -20.00
N GLN B 62 -23.07 -11.39 -21.23
CA GLN B 62 -23.36 -10.03 -21.68
C GLN B 62 -24.12 -9.23 -20.64
N ASP B 63 -25.23 -9.80 -20.18
CA ASP B 63 -26.06 -9.15 -19.18
C ASP B 63 -25.19 -8.62 -18.04
N LEU B 64 -24.37 -9.49 -17.49
CA LEU B 64 -23.48 -9.12 -16.39
C LEU B 64 -22.54 -8.00 -16.81
N LEU B 65 -21.76 -8.23 -17.86
CA LEU B 65 -20.81 -7.23 -18.34
C LEU B 65 -21.45 -5.86 -18.52
N SER B 66 -22.57 -5.82 -19.24
CA SER B 66 -23.30 -4.57 -19.49
C SER B 66 -23.60 -3.77 -18.23
N LYS B 67 -23.69 -4.44 -17.08
CA LYS B 67 -23.97 -3.76 -15.82
C LYS B 67 -22.90 -2.72 -15.49
N TYR B 68 -21.74 -2.84 -16.14
CA TYR B 68 -20.63 -1.90 -15.95
C TYR B 68 -19.66 -1.99 -17.12
N PRO B 69 -19.92 -1.22 -18.19
CA PRO B 69 -19.10 -1.17 -19.41
C PRO B 69 -17.79 -0.42 -19.21
N ASP B 70 -17.43 -0.19 -17.95
CA ASP B 70 -16.20 0.50 -17.59
C ASP B 70 -15.23 -0.48 -16.91
N GLU B 71 -14.96 -0.25 -15.63
CA GLU B 71 -14.08 -1.11 -14.85
C GLU B 71 -14.91 -1.93 -13.86
N MET B 72 -14.67 -3.24 -13.85
CA MET B 72 -15.38 -4.15 -12.96
C MET B 72 -14.38 -4.84 -12.04
N THR B 73 -14.80 -5.13 -10.82
CA THR B 73 -13.93 -5.80 -9.87
C THR B 73 -14.54 -7.12 -9.41
N ILE B 74 -13.71 -8.16 -9.38
CA ILE B 74 -14.17 -9.47 -8.94
C ILE B 74 -13.28 -9.88 -7.79
N VAL B 75 -13.84 -10.53 -6.79
CA VAL B 75 -13.03 -10.98 -5.67
C VAL B 75 -12.97 -12.48 -5.65
N LEU B 76 -11.77 -13.01 -5.43
CA LEU B 76 -11.56 -14.46 -5.38
C LEU B 76 -11.22 -14.76 -3.93
N GLN B 77 -12.09 -15.52 -3.29
CA GLN B 77 -11.92 -15.87 -1.90
C GLN B 77 -12.20 -17.35 -1.69
N HIS B 78 -13.46 -17.73 -1.82
CA HIS B 78 -13.83 -19.13 -1.69
C HIS B 78 -14.73 -19.59 -2.81
N GLN B 79 -15.76 -18.81 -3.12
CA GLN B 79 -16.67 -19.23 -4.16
C GLN B 79 -16.25 -18.95 -5.60
N TYR B 80 -15.19 -19.64 -6.01
CA TYR B 80 -14.66 -19.54 -7.36
C TYR B 80 -14.08 -20.92 -7.67
N TRP B 81 -14.12 -21.33 -8.93
CA TRP B 81 -13.60 -22.63 -9.30
C TRP B 81 -13.28 -22.75 -10.79
N ASP B 82 -12.52 -23.78 -11.15
CA ASP B 82 -12.12 -23.99 -12.53
C ASP B 82 -11.32 -22.80 -13.06
N LEU B 83 -10.56 -22.19 -12.16
CA LEU B 83 -9.69 -21.06 -12.49
C LEU B 83 -8.55 -21.56 -13.37
N ALA B 84 -8.41 -20.99 -14.56
CA ALA B 84 -7.35 -21.41 -15.47
C ALA B 84 -6.44 -20.22 -15.79
N PRO B 85 -5.35 -20.05 -15.02
CA PRO B 85 -4.42 -18.95 -15.26
C PRO B 85 -3.50 -19.35 -16.41
N GLY B 86 -3.97 -19.13 -17.63
CA GLY B 86 -3.20 -19.50 -18.79
C GLY B 86 -1.95 -18.70 -19.02
N GLU B 87 -1.66 -18.48 -20.30
CA GLU B 87 -0.49 -17.72 -20.69
C GLU B 87 -0.78 -16.23 -20.69
N THR B 88 -1.68 -15.80 -21.57
CA THR B 88 -2.00 -14.39 -21.69
C THR B 88 -3.32 -13.96 -21.04
N PHE B 89 -4.06 -14.90 -20.46
CA PHE B 89 -5.31 -14.57 -19.82
C PHE B 89 -5.70 -15.67 -18.85
N PHE B 90 -6.76 -15.43 -18.10
CA PHE B 90 -7.23 -16.43 -17.16
C PHE B 90 -8.75 -16.52 -17.29
N SER B 91 -9.27 -17.72 -17.08
CA SER B 91 -10.71 -17.98 -17.11
C SER B 91 -11.08 -18.51 -15.73
N VAL B 92 -12.27 -18.17 -15.27
CA VAL B 92 -12.69 -18.61 -13.95
C VAL B 92 -14.20 -18.56 -13.84
N THR B 93 -14.76 -19.44 -13.02
CA THR B 93 -16.20 -19.48 -12.81
C THR B 93 -16.49 -18.87 -11.44
N LEU B 94 -17.37 -17.88 -11.43
CA LEU B 94 -17.74 -17.21 -10.20
C LEU B 94 -19.26 -17.18 -10.09
N LYS B 95 -19.75 -16.81 -8.90
CA LYS B 95 -21.18 -16.71 -8.68
C LYS B 95 -21.59 -15.25 -8.57
N PHE B 96 -22.49 -14.83 -9.45
CA PHE B 96 -22.99 -13.47 -9.44
C PHE B 96 -24.46 -13.56 -9.08
N GLY B 97 -24.79 -13.24 -7.84
CA GLY B 97 -26.17 -13.36 -7.43
C GLY B 97 -26.51 -14.83 -7.37
N GLY B 98 -25.52 -15.64 -6.97
CA GLY B 98 -25.71 -17.06 -6.84
C GLY B 98 -25.51 -17.89 -8.10
N GLN B 99 -25.81 -17.33 -9.27
CA GLN B 99 -25.65 -18.08 -10.52
C GLN B 99 -24.21 -18.14 -11.04
N PRO B 100 -23.63 -19.35 -11.10
CA PRO B 100 -22.25 -19.53 -11.58
C PRO B 100 -22.11 -19.12 -13.04
N LYS B 101 -21.04 -18.40 -13.35
CA LYS B 101 -20.79 -17.94 -14.71
C LYS B 101 -19.29 -17.85 -15.03
N ARG B 102 -18.95 -18.11 -16.29
CA ARG B 102 -17.56 -18.06 -16.77
C ARG B 102 -17.09 -16.66 -17.10
N LEU B 103 -15.89 -16.33 -16.67
CA LEU B 103 -15.30 -15.03 -16.97
C LEU B 103 -13.96 -15.27 -17.59
N SER B 104 -13.66 -14.51 -18.63
CA SER B 104 -12.38 -14.65 -19.30
C SER B 104 -11.79 -13.25 -19.38
N VAL B 105 -10.63 -13.08 -18.77
CA VAL B 105 -9.97 -11.78 -18.76
C VAL B 105 -8.50 -11.87 -19.11
N PRO B 106 -8.05 -11.04 -20.07
CA PRO B 106 -6.64 -11.05 -20.46
C PRO B 106 -5.87 -10.26 -19.40
N TYR B 107 -4.64 -10.68 -19.09
CA TYR B 107 -3.86 -9.97 -18.08
C TYR B 107 -3.64 -8.53 -18.51
N ALA B 108 -3.71 -8.27 -19.81
CA ALA B 108 -3.51 -6.92 -20.33
C ALA B 108 -4.70 -6.02 -20.07
N ALA B 109 -5.80 -6.58 -19.60
CA ALA B 109 -7.00 -5.80 -19.32
C ALA B 109 -7.07 -5.37 -17.85
N LEU B 110 -6.16 -5.92 -17.05
CA LEU B 110 -6.13 -5.61 -15.62
C LEU B 110 -5.83 -4.14 -15.41
N THR B 111 -6.57 -3.51 -14.49
CA THR B 111 -6.34 -2.12 -14.20
C THR B 111 -5.97 -2.02 -12.74
N ARG B 112 -6.21 -3.07 -11.98
CA ARG B 112 -5.91 -3.05 -10.55
C ARG B 112 -5.93 -4.44 -9.91
N PHE B 113 -5.19 -4.59 -8.82
CA PHE B 113 -5.09 -5.84 -8.10
C PHE B 113 -4.89 -5.49 -6.64
N TYR B 114 -5.56 -6.20 -5.75
CA TYR B 114 -5.46 -5.90 -4.33
C TYR B 114 -5.78 -7.05 -3.38
N ASP B 115 -4.89 -7.28 -2.41
CA ASP B 115 -5.05 -8.34 -1.41
C ASP B 115 -4.95 -7.66 -0.04
N PRO B 116 -6.09 -7.43 0.61
CA PRO B 116 -6.16 -6.79 1.93
C PRO B 116 -5.35 -7.44 3.03
N SER B 117 -5.33 -8.77 3.06
CA SER B 117 -4.63 -9.50 4.12
C SER B 117 -3.23 -9.00 4.42
N VAL B 118 -2.47 -8.61 3.39
CA VAL B 118 -1.12 -8.11 3.63
C VAL B 118 -0.95 -6.70 3.06
N GLN B 119 -2.06 -6.06 2.75
CA GLN B 119 -2.01 -4.70 2.20
C GLN B 119 -1.11 -4.60 0.98
N PHE B 120 -1.28 -5.52 0.04
CA PHE B 120 -0.49 -5.50 -1.17
C PHE B 120 -1.36 -5.03 -2.32
N ALA B 121 -1.07 -3.86 -2.86
CA ALA B 121 -1.85 -3.32 -3.96
C ALA B 121 -1.00 -2.98 -5.18
N LEU B 122 -1.60 -3.14 -6.36
CA LEU B 122 -0.94 -2.84 -7.62
C LEU B 122 -1.97 -2.22 -8.54
N GLN B 123 -1.54 -1.22 -9.30
CA GLN B 123 -2.42 -0.57 -10.25
C GLN B 123 -1.72 -0.56 -11.59
N PHE B 124 -2.46 -0.79 -12.67
CA PHE B 124 -1.87 -0.84 -14.00
C PHE B 124 -2.53 0.15 -14.93
N SER B 125 -1.79 0.60 -15.93
CA SER B 125 -2.32 1.56 -16.89
C SER B 125 -3.46 0.96 -17.70
N ALA B 126 -4.51 1.75 -17.89
CA ALA B 126 -5.69 1.32 -18.65
C ALA B 126 -5.34 0.80 -20.04
N PRO C 9 18.60 4.34 19.09
CA PRO C 9 17.44 5.07 19.65
C PRO C 9 17.21 4.80 21.14
N PRO C 10 17.09 3.53 21.55
CA PRO C 10 17.11 2.29 20.76
C PRO C 10 15.67 1.83 20.52
N GLU C 11 14.81 2.14 21.47
CA GLU C 11 13.39 1.80 21.40
C GLU C 11 12.57 2.91 22.05
N ASP C 12 11.38 3.15 21.50
CA ASP C 12 10.49 4.19 22.01
C ASP C 12 9.72 3.71 23.23
N LEU C 13 9.99 4.34 24.38
CA LEU C 13 9.30 3.96 25.62
C LEU C 13 7.97 4.70 25.72
N MET C 14 7.60 5.40 24.65
CA MET C 14 6.36 6.15 24.61
C MET C 14 5.36 5.46 23.67
N GLN C 15 5.85 4.51 22.89
CA GLN C 15 5.04 3.77 21.93
C GLN C 15 4.29 4.70 20.98
N TYR C 16 5.01 5.70 20.45
CA TYR C 16 4.42 6.66 19.52
C TYR C 16 3.83 5.98 18.29
N GLU C 17 4.53 4.96 17.78
CA GLU C 17 4.06 4.24 16.61
C GLU C 17 2.65 3.67 16.86
N ALA C 18 2.47 3.08 18.03
CA ALA C 18 1.18 2.49 18.40
C ALA C 18 0.09 3.55 18.59
N MET C 19 0.38 4.56 19.40
CA MET C 19 -0.58 5.63 19.66
C MET C 19 -1.05 6.25 18.35
N ALA C 20 -0.09 6.54 17.48
CA ALA C 20 -0.38 7.16 16.19
C ALA C 20 -1.41 6.39 15.36
N GLN C 21 -1.15 5.11 15.10
CA GLN C 21 -2.07 4.32 14.29
C GLN C 21 -3.44 4.19 14.97
N ASP C 22 -3.44 3.98 16.28
CA ASP C 22 -4.69 3.86 17.02
C ASP C 22 -5.53 5.10 16.78
N ALA C 23 -4.88 6.25 16.77
CA ALA C 23 -5.57 7.52 16.54
C ALA C 23 -6.05 7.58 15.09
N LEU C 24 -5.23 7.10 14.17
CA LEU C 24 -5.58 7.11 12.77
C LEU C 24 -6.87 6.34 12.45
N ARG C 25 -7.33 5.54 13.41
CA ARG C 25 -8.57 4.80 13.20
C ARG C 25 -9.67 5.84 12.99
N GLY C 26 -9.52 6.98 13.67
CA GLY C 26 -10.49 8.04 13.55
C GLY C 26 -10.73 8.44 12.11
N VAL C 27 -9.70 8.36 11.29
CA VAL C 27 -9.83 8.73 9.89
C VAL C 27 -10.89 7.85 9.21
N VAL C 28 -10.85 6.56 9.50
CA VAL C 28 -11.82 5.64 8.91
C VAL C 28 -13.22 6.10 9.30
N LYS C 29 -13.37 6.47 10.57
CA LYS C 29 -14.64 6.95 11.10
C LYS C 29 -15.13 8.19 10.33
N ALA C 30 -14.22 9.13 10.10
CA ALA C 30 -14.55 10.34 9.37
C ALA C 30 -15.02 9.97 7.97
N ALA C 31 -14.29 9.04 7.34
CA ALA C 31 -14.63 8.59 6.00
C ALA C 31 -16.06 8.07 5.96
N LEU C 32 -16.39 7.20 6.92
CA LEU C 32 -17.73 6.64 6.97
C LEU C 32 -18.76 7.76 7.10
N LYS C 33 -18.46 8.76 7.93
CA LYS C 33 -19.38 9.89 8.10
C LYS C 33 -19.57 10.59 6.76
N LYS C 34 -18.47 10.74 6.01
CA LYS C 34 -18.53 11.38 4.70
C LYS C 34 -19.18 10.46 3.68
N ALA C 35 -19.44 9.21 4.09
CA ALA C 35 -20.05 8.23 3.18
C ALA C 35 -21.53 8.01 3.49
N ALA C 36 -21.89 8.17 4.76
CA ALA C 36 -23.27 7.98 5.19
C ALA C 36 -24.10 9.21 4.86
N ALA C 37 -23.46 10.37 4.93
CA ALA C 37 -24.13 11.64 4.65
C ALA C 37 -24.97 11.51 3.38
N PRO C 38 -26.30 11.75 3.48
CA PRO C 38 -27.22 11.67 2.34
C PRO C 38 -26.63 12.26 1.05
N GLY C 39 -26.43 11.40 0.06
CA GLY C 39 -25.86 11.83 -1.20
C GLY C 39 -24.80 10.85 -1.64
N GLY C 40 -24.08 10.28 -0.66
CA GLY C 40 -23.05 9.31 -0.94
C GLY C 40 -21.68 9.90 -1.22
N LEU C 41 -20.69 9.03 -1.33
CA LEU C 41 -19.31 9.42 -1.60
C LEU C 41 -19.17 9.99 -3.01
N PRO C 42 -18.19 10.88 -3.22
CA PRO C 42 -17.95 11.50 -4.53
C PRO C 42 -17.07 10.60 -5.39
N GLU C 43 -17.66 9.96 -6.39
CA GLU C 43 -16.90 9.09 -7.28
C GLU C 43 -15.61 9.75 -7.79
N PRO C 44 -14.64 8.93 -8.22
CA PRO C 44 -14.71 7.47 -8.24
C PRO C 44 -14.25 6.87 -6.92
N HIS C 45 -14.57 7.56 -5.82
CA HIS C 45 -14.18 7.10 -4.49
C HIS C 45 -14.89 5.87 -3.97
N HIS C 46 -14.14 4.80 -3.75
CA HIS C 46 -14.69 3.58 -3.18
C HIS C 46 -13.74 3.06 -2.10
N LEU C 47 -14.30 2.72 -0.95
CA LEU C 47 -13.51 2.28 0.19
C LEU C 47 -13.48 0.78 0.48
N TYR C 48 -12.31 0.31 0.88
CA TYR C 48 -12.09 -1.09 1.24
C TYR C 48 -11.72 -1.11 2.72
N ILE C 49 -12.67 -1.50 3.56
CA ILE C 49 -12.45 -1.58 5.00
C ILE C 49 -12.26 -3.06 5.35
N THR C 50 -11.23 -3.37 6.13
CA THR C 50 -10.98 -4.74 6.54
C THR C 50 -10.86 -4.79 8.04
N PHE C 51 -11.59 -5.72 8.66
CA PHE C 51 -11.57 -5.87 10.12
C PHE C 51 -11.47 -7.32 10.55
N LYS C 52 -11.06 -7.53 11.79
CA LYS C 52 -10.96 -8.88 12.33
C LYS C 52 -12.40 -9.29 12.67
N THR C 53 -12.88 -10.39 12.10
CA THR C 53 -14.24 -10.86 12.37
C THR C 53 -14.34 -11.51 13.73
N LYS C 54 -13.32 -12.31 14.05
CA LYS C 54 -13.26 -12.99 15.34
C LYS C 54 -12.87 -12.00 16.42
N ALA C 55 -13.12 -10.72 16.16
CA ALA C 55 -12.80 -9.66 17.10
C ALA C 55 -13.94 -9.34 18.05
N ALA C 56 -13.57 -8.69 19.16
CA ALA C 56 -14.54 -8.32 20.18
C ALA C 56 -15.64 -7.43 19.64
N GLY C 57 -16.89 -7.83 19.87
CA GLY C 57 -18.02 -7.02 19.44
C GLY C 57 -18.59 -7.15 18.03
N VAL C 58 -17.86 -7.79 17.11
CA VAL C 58 -18.37 -7.90 15.75
C VAL C 58 -19.59 -8.80 15.64
N SER C 59 -20.67 -8.25 15.09
CA SER C 59 -21.90 -9.01 14.92
C SER C 59 -22.43 -8.90 13.49
N GLY C 60 -23.03 -9.98 13.02
CA GLY C 60 -23.58 -10.01 11.68
C GLY C 60 -24.30 -11.32 11.44
N PRO C 61 -24.37 -11.80 10.19
CA PRO C 61 -25.04 -13.05 9.83
C PRO C 61 -24.72 -14.22 10.77
N GLN C 62 -25.59 -15.23 10.78
CA GLN C 62 -25.43 -16.40 11.64
C GLN C 62 -24.10 -17.10 11.47
N ASP C 63 -23.75 -17.42 10.22
CA ASP C 63 -22.50 -18.12 9.94
C ASP C 63 -21.39 -17.20 9.41
N LEU C 64 -21.28 -16.03 10.01
CA LEU C 64 -20.26 -15.07 9.62
C LEU C 64 -18.86 -15.64 9.81
N LEU C 65 -18.63 -16.27 10.95
CA LEU C 65 -17.34 -16.84 11.28
C LEU C 65 -17.00 -18.08 10.46
N SER C 66 -18.01 -18.66 9.82
CA SER C 66 -17.77 -19.82 8.98
C SER C 66 -17.28 -19.31 7.63
N LYS C 67 -17.96 -18.31 7.08
CA LYS C 67 -17.60 -17.72 5.81
C LYS C 67 -16.33 -16.88 5.90
N TYR C 68 -16.14 -16.23 7.04
CA TYR C 68 -14.97 -15.39 7.26
C TYR C 68 -14.36 -15.67 8.62
N PRO C 69 -13.69 -16.83 8.75
CA PRO C 69 -13.04 -17.27 9.99
C PRO C 69 -12.04 -16.32 10.63
N ASP C 70 -11.32 -15.55 9.83
CA ASP C 70 -10.33 -14.64 10.41
C ASP C 70 -10.61 -13.15 10.14
N GLU C 71 -10.72 -12.77 8.87
CA GLU C 71 -10.96 -11.39 8.52
C GLU C 71 -12.01 -11.25 7.43
N MET C 72 -12.52 -10.03 7.27
CA MET C 72 -13.50 -9.73 6.25
C MET C 72 -13.21 -8.35 5.70
N THR C 73 -13.49 -8.17 4.42
CA THR C 73 -13.27 -6.87 3.78
C THR C 73 -14.55 -6.44 3.11
N ILE C 74 -15.01 -5.24 3.46
CA ILE C 74 -16.22 -4.73 2.84
C ILE C 74 -15.84 -3.53 1.98
N VAL C 75 -16.42 -3.47 0.79
CA VAL C 75 -16.15 -2.38 -0.14
C VAL C 75 -17.33 -1.43 -0.26
N LEU C 76 -17.12 -0.18 0.16
CA LEU C 76 -18.18 0.82 0.10
C LEU C 76 -18.11 1.59 -1.20
N GLN C 77 -18.62 0.99 -2.27
CA GLN C 77 -18.63 1.62 -3.59
C GLN C 77 -19.98 2.27 -3.84
N HIS C 78 -20.91 1.49 -4.37
CA HIS C 78 -22.25 1.97 -4.67
C HIS C 78 -23.25 0.86 -4.37
N GLN C 79 -22.86 -0.05 -3.48
CA GLN C 79 -23.73 -1.17 -3.10
C GLN C 79 -23.75 -1.42 -1.60
N TYR C 80 -24.09 -0.38 -0.84
CA TYR C 80 -24.18 -0.47 0.62
C TYR C 80 -25.35 0.40 1.07
N TRP C 81 -25.95 0.05 2.20
CA TRP C 81 -27.10 0.82 2.69
C TRP C 81 -27.16 0.98 4.20
N ASP C 82 -27.96 1.96 4.63
CA ASP C 82 -28.17 2.27 6.04
C ASP C 82 -26.87 2.43 6.82
N LEU C 83 -25.84 3.02 6.21
CA LEU C 83 -24.57 3.22 6.88
C LEU C 83 -24.78 4.11 8.10
N ALA C 84 -24.28 3.66 9.25
CA ALA C 84 -24.43 4.39 10.50
C ALA C 84 -23.14 4.54 11.30
N PRO C 85 -22.29 5.52 10.92
CA PRO C 85 -21.02 5.73 11.63
C PRO C 85 -21.31 6.09 13.08
N GLY C 86 -21.21 5.11 13.97
CA GLY C 86 -21.50 5.37 15.37
C GLY C 86 -20.36 6.01 16.14
N GLU C 87 -20.49 5.95 17.46
CA GLU C 87 -19.49 6.52 18.36
C GLU C 87 -18.19 5.73 18.31
N THR C 88 -18.25 4.48 18.76
CA THR C 88 -17.07 3.61 18.78
C THR C 88 -17.24 2.43 17.84
N PHE C 89 -18.29 2.46 17.02
CA PHE C 89 -18.54 1.38 16.09
C PHE C 89 -19.49 1.83 15.00
N PHE C 90 -19.49 1.12 13.87
CA PHE C 90 -20.37 1.45 12.77
C PHE C 90 -21.16 0.21 12.38
N SER C 91 -22.28 0.41 11.71
CA SER C 91 -23.09 -0.71 11.27
C SER C 91 -23.51 -0.44 9.83
N VAL C 92 -23.77 -1.50 9.08
CA VAL C 92 -24.18 -1.39 7.69
C VAL C 92 -24.93 -2.60 7.19
N THR C 93 -25.58 -2.43 6.04
CA THR C 93 -26.31 -3.49 5.39
C THR C 93 -25.61 -3.71 4.05
N LEU C 94 -25.22 -4.95 3.80
CA LEU C 94 -24.52 -5.29 2.58
C LEU C 94 -25.07 -6.60 2.02
N LYS C 95 -24.73 -6.88 0.76
CA LYS C 95 -25.15 -8.12 0.12
C LYS C 95 -24.43 -9.30 0.76
N PHE C 96 -25.10 -10.45 0.80
CA PHE C 96 -24.54 -11.67 1.36
C PHE C 96 -25.08 -12.88 0.61
N GLY C 97 -24.79 -12.92 -0.68
CA GLY C 97 -25.27 -13.99 -1.53
C GLY C 97 -26.37 -13.39 -2.40
N GLY C 98 -26.98 -12.32 -1.88
CA GLY C 98 -28.04 -11.64 -2.58
C GLY C 98 -29.04 -11.10 -1.58
N GLN C 99 -28.89 -11.51 -0.32
CA GLN C 99 -29.78 -11.08 0.74
C GLN C 99 -29.10 -10.08 1.69
N PRO C 100 -29.52 -8.80 1.61
CA PRO C 100 -28.93 -7.77 2.47
C PRO C 100 -28.99 -8.15 3.95
N LYS C 101 -27.93 -7.82 4.68
CA LYS C 101 -27.86 -8.14 6.10
C LYS C 101 -27.13 -7.07 6.89
N ARG C 102 -27.56 -6.84 8.12
CA ARG C 102 -26.94 -5.84 8.98
C ARG C 102 -25.61 -6.37 9.51
N LEU C 103 -24.67 -5.45 9.75
CA LEU C 103 -23.35 -5.81 10.25
C LEU C 103 -22.84 -4.70 11.16
N SER C 104 -22.34 -5.07 12.34
CA SER C 104 -21.84 -4.09 13.30
C SER C 104 -20.37 -4.36 13.64
N VAL C 105 -19.53 -3.38 13.33
CA VAL C 105 -18.10 -3.49 13.57
C VAL C 105 -17.54 -2.37 14.44
N PRO C 106 -16.72 -2.74 15.45
CA PRO C 106 -16.10 -1.77 16.35
C PRO C 106 -14.90 -1.17 15.64
N TYR C 107 -14.72 0.14 15.74
CA TYR C 107 -13.59 0.81 15.10
C TYR C 107 -12.28 0.16 15.54
N ALA C 108 -12.30 -0.44 16.73
CA ALA C 108 -11.13 -1.10 17.28
C ALA C 108 -10.84 -2.44 16.61
N ALA C 109 -11.78 -2.93 15.82
CA ALA C 109 -11.60 -4.21 15.14
C ALA C 109 -10.97 -4.05 13.76
N LEU C 110 -10.80 -2.80 13.32
CA LEU C 110 -10.21 -2.51 12.01
C LEU C 110 -8.73 -2.87 11.88
N THR C 111 -8.32 -3.30 10.69
CA THR C 111 -6.93 -3.68 10.45
C THR C 111 -6.36 -3.05 9.19
N ARG C 112 -7.23 -2.64 8.28
CA ARG C 112 -6.78 -2.01 7.03
C ARG C 112 -7.84 -1.12 6.41
N PHE C 113 -7.37 -0.07 5.75
CA PHE C 113 -8.23 0.88 5.05
C PHE C 113 -7.50 1.12 3.73
N TYR C 114 -8.24 1.38 2.65
CA TYR C 114 -7.61 1.60 1.37
C TYR C 114 -8.55 2.17 0.32
N ASP C 115 -8.15 3.31 -0.25
CA ASP C 115 -8.94 3.95 -1.29
C ASP C 115 -8.05 4.03 -2.54
N PRO C 116 -8.21 3.05 -3.45
CA PRO C 116 -7.41 3.04 -4.67
C PRO C 116 -7.46 4.33 -5.52
N SER C 117 -8.62 5.00 -5.52
CA SER C 117 -8.78 6.24 -6.29
C SER C 117 -7.60 7.17 -6.10
N VAL C 118 -7.33 7.52 -4.85
CA VAL C 118 -6.23 8.41 -4.52
C VAL C 118 -5.11 7.61 -3.86
N GLN C 119 -5.15 6.29 -4.08
CA GLN C 119 -4.15 5.38 -3.57
C GLN C 119 -3.73 5.73 -2.15
N PHE C 120 -4.70 6.00 -1.29
CA PHE C 120 -4.43 6.32 0.09
C PHE C 120 -4.76 5.08 0.92
N ALA C 121 -3.87 4.72 1.84
CA ALA C 121 -4.08 3.52 2.64
C ALA C 121 -3.55 3.64 4.07
N LEU C 122 -4.10 2.81 4.95
CA LEU C 122 -3.69 2.75 6.35
C LEU C 122 -3.72 1.29 6.77
N GLN C 123 -3.13 1.00 7.92
CA GLN C 123 -3.09 -0.36 8.44
C GLN C 123 -2.92 -0.29 9.95
N PHE C 124 -3.59 -1.17 10.68
CA PHE C 124 -3.50 -1.18 12.13
C PHE C 124 -3.18 -2.58 12.65
N SER C 125 -2.87 -2.66 13.94
CA SER C 125 -2.55 -3.93 14.57
C SER C 125 -3.84 -4.71 14.82
N ALA C 126 -3.71 -6.01 15.08
CA ALA C 126 -4.87 -6.86 15.34
C ALA C 126 -5.34 -6.75 16.79
N MET D 14 -11.48 13.16 -1.22
CA MET D 14 -12.26 13.74 -0.10
C MET D 14 -11.36 14.20 1.04
N GLN D 15 -10.14 14.60 0.68
CA GLN D 15 -9.14 15.11 1.62
C GLN D 15 -8.82 14.20 2.80
N TYR D 16 -7.93 13.24 2.59
CA TYR D 16 -7.55 12.34 3.68
C TYR D 16 -6.39 12.96 4.45
N GLU D 17 -5.51 13.63 3.73
CA GLU D 17 -4.35 14.29 4.35
C GLU D 17 -4.81 15.09 5.55
N ALA D 18 -5.80 15.94 5.33
CA ALA D 18 -6.35 16.78 6.38
C ALA D 18 -6.92 15.91 7.50
N MET D 19 -7.77 14.95 7.12
CA MET D 19 -8.38 14.05 8.09
C MET D 19 -7.36 13.35 8.96
N ALA D 20 -6.26 12.91 8.36
CA ALA D 20 -5.20 12.24 9.11
C ALA D 20 -4.69 13.21 10.17
N GLN D 21 -4.35 14.41 9.74
CA GLN D 21 -3.86 15.46 10.63
C GLN D 21 -4.70 15.55 11.91
N ASP D 22 -5.98 15.90 11.74
CA ASP D 22 -6.88 16.01 12.88
C ASP D 22 -6.86 14.76 13.75
N ALA D 23 -6.71 13.60 13.12
CA ALA D 23 -6.67 12.35 13.85
C ALA D 23 -5.41 12.26 14.70
N LEU D 24 -4.27 12.63 14.10
CA LEU D 24 -3.02 12.59 14.82
C LEU D 24 -2.99 13.53 16.03
N ARG D 25 -3.83 14.55 16.02
CA ARG D 25 -3.88 15.49 17.15
C ARG D 25 -4.12 14.68 18.42
N GLY D 26 -4.82 13.56 18.28
CA GLY D 26 -5.12 12.72 19.42
C GLY D 26 -3.87 12.13 20.05
N VAL D 27 -2.80 12.06 19.27
CA VAL D 27 -1.53 11.53 19.76
C VAL D 27 -1.00 12.45 20.85
N VAL D 28 -1.10 13.76 20.60
CA VAL D 28 -0.65 14.77 21.55
C VAL D 28 -1.40 14.59 22.86
N LYS D 29 -2.72 14.42 22.76
CA LYS D 29 -3.57 14.24 23.92
C LYS D 29 -3.22 12.93 24.62
N ALA D 30 -3.15 11.86 23.84
CA ALA D 30 -2.81 10.55 24.37
C ALA D 30 -1.45 10.62 25.05
N ALA D 31 -0.60 11.50 24.53
CA ALA D 31 0.74 11.69 25.07
C ALA D 31 0.67 12.38 26.42
N LEU D 32 0.03 13.55 26.45
CA LEU D 32 -0.12 14.30 27.69
C LEU D 32 -0.79 13.47 28.78
N LYS D 33 -1.76 12.65 28.40
CA LYS D 33 -2.44 11.80 29.36
C LYS D 33 -1.39 11.04 30.15
N LYS D 34 -0.41 10.51 29.43
CA LYS D 34 0.68 9.76 30.07
C LYS D 34 1.54 10.70 30.89
N ALA D 35 1.71 11.92 30.39
CA ALA D 35 2.52 12.93 31.07
C ALA D 35 1.95 13.32 32.43
N ALA D 36 0.75 12.86 32.73
CA ALA D 36 0.10 13.18 34.00
C ALA D 36 -0.13 11.93 34.85
N ALA D 37 0.09 10.76 34.26
CA ALA D 37 -0.11 9.49 34.96
C ALA D 37 0.88 9.39 36.12
N PRO D 38 0.68 8.38 37.00
CA PRO D 38 1.56 8.18 38.15
C PRO D 38 3.01 7.90 37.75
N GLY D 39 3.79 8.96 37.58
CA GLY D 39 5.19 8.82 37.19
C GLY D 39 5.59 9.81 36.11
N GLY D 40 4.59 10.29 35.38
CA GLY D 40 4.84 11.26 34.32
C GLY D 40 5.49 10.67 33.08
N LEU D 41 6.10 11.54 32.28
CA LEU D 41 6.77 11.12 31.06
C LEU D 41 8.00 10.31 31.46
N PRO D 42 8.14 9.08 30.93
CA PRO D 42 9.27 8.20 31.23
C PRO D 42 10.62 8.72 30.72
N GLU D 43 11.64 8.62 31.56
CA GLU D 43 12.98 9.07 31.19
C GLU D 43 13.44 8.44 29.88
N PRO D 44 14.11 9.23 29.02
CA PRO D 44 14.45 10.64 29.19
C PRO D 44 13.55 11.53 28.33
N HIS D 45 12.31 11.10 28.14
CA HIS D 45 11.34 11.82 27.33
C HIS D 45 10.99 13.24 27.81
N HIS D 46 10.66 14.10 26.84
CA HIS D 46 10.24 15.47 27.08
C HIS D 46 9.58 15.96 25.79
N LEU D 47 8.52 16.75 25.94
CA LEU D 47 7.77 17.23 24.78
C LEU D 47 7.94 18.69 24.38
N TYR D 48 7.86 18.94 23.08
CA TYR D 48 7.95 20.29 22.51
C TYR D 48 6.60 20.58 21.84
N ILE D 49 5.73 21.29 22.55
CA ILE D 49 4.42 21.60 21.98
C ILE D 49 4.35 23.06 21.54
N THR D 50 3.81 23.28 20.33
CA THR D 50 3.67 24.63 19.79
C THR D 50 2.20 24.87 19.46
N PHE D 51 1.79 26.12 19.43
CA PHE D 51 0.39 26.46 19.14
C PHE D 51 0.20 27.93 18.80
N LYS D 52 -0.87 28.25 18.10
CA LYS D 52 -1.16 29.65 17.77
C LYS D 52 -1.63 30.31 19.06
N THR D 53 -0.78 31.12 19.66
CA THR D 53 -1.12 31.81 20.90
C THR D 53 -2.17 32.88 20.64
N LYS D 54 -2.99 32.67 19.62
CA LYS D 54 -4.03 33.62 19.26
C LYS D 54 -5.36 32.93 18.92
N ALA D 55 -5.28 31.71 18.41
CA ALA D 55 -6.46 30.95 18.04
C ALA D 55 -7.41 30.77 19.21
N ALA D 56 -8.71 30.89 18.94
CA ALA D 56 -9.73 30.75 19.97
C ALA D 56 -9.48 29.53 20.85
N GLY D 57 -9.73 29.69 22.15
CA GLY D 57 -9.53 28.60 23.08
C GLY D 57 -8.29 28.80 23.92
N VAL D 58 -7.33 29.56 23.40
CA VAL D 58 -6.09 29.81 24.12
C VAL D 58 -6.26 31.01 25.05
N SER D 59 -5.84 30.86 26.30
CA SER D 59 -5.96 31.94 27.27
C SER D 59 -4.96 31.81 28.42
N GLY D 60 -3.83 32.47 28.28
CA GLY D 60 -2.80 32.45 29.31
C GLY D 60 -2.81 33.78 30.04
N PRO D 61 -1.68 34.21 30.62
CA PRO D 61 -1.67 35.50 31.33
C PRO D 61 -1.91 36.66 30.36
N GLN D 62 -0.86 37.44 30.13
CA GLN D 62 -0.93 38.59 29.24
C GLN D 62 0.48 39.06 28.89
N ASP D 63 1.29 39.29 29.93
CA ASP D 63 2.67 39.73 29.74
C ASP D 63 3.50 38.60 29.13
N LEU D 64 2.85 37.48 28.84
CA LEU D 64 3.51 36.32 28.25
C LEU D 64 3.04 36.10 26.82
N LEU D 65 1.74 35.85 26.64
CA LEU D 65 1.18 35.61 25.32
C LEU D 65 1.62 36.71 24.37
N SER D 66 1.87 37.90 24.93
CA SER D 66 2.30 39.05 24.15
C SER D 66 3.75 38.94 23.70
N LYS D 67 4.59 38.33 24.53
CA LYS D 67 6.00 38.16 24.20
C LYS D 67 6.18 37.06 23.15
N TYR D 68 5.09 36.72 22.47
CA TYR D 68 5.09 35.70 21.43
C TYR D 68 4.13 36.05 20.31
N PRO D 69 4.62 36.06 19.05
CA PRO D 69 3.83 36.37 17.85
C PRO D 69 2.71 35.39 17.53
N ASP D 70 2.85 34.66 16.43
CA ASP D 70 1.85 33.70 16.00
C ASP D 70 1.91 32.39 16.79
N GLU D 71 3.08 31.76 16.82
CA GLU D 71 3.25 30.50 17.54
C GLU D 71 4.06 30.66 18.82
N MET D 72 3.72 29.87 19.83
CA MET D 72 4.41 29.91 21.12
C MET D 72 4.71 28.48 21.56
N THR D 73 5.96 28.06 21.40
CA THR D 73 6.36 26.71 21.77
C THR D 73 6.74 26.56 23.25
N ILE D 74 6.26 25.49 23.87
CA ILE D 74 6.56 25.20 25.28
C ILE D 74 7.24 23.84 25.37
N VAL D 75 7.93 23.60 26.48
CA VAL D 75 8.61 22.33 26.67
C VAL D 75 8.18 21.64 27.96
N LEU D 76 7.71 20.40 27.81
CA LEU D 76 7.27 19.59 28.95
C LEU D 76 8.33 18.55 29.26
N GLN D 77 9.23 18.91 30.17
CA GLN D 77 10.31 18.03 30.55
C GLN D 77 10.19 17.64 32.02
N HIS D 78 10.59 18.56 32.89
CA HIS D 78 10.52 18.31 34.33
C HIS D 78 9.70 19.40 35.05
N GLN D 79 9.86 20.65 34.61
CA GLN D 79 9.14 21.76 35.24
C GLN D 79 7.75 22.02 34.70
N TYR D 80 6.80 21.18 35.11
CA TYR D 80 5.42 21.35 34.70
C TYR D 80 4.51 20.90 35.83
N TRP D 81 3.46 21.68 36.09
CA TRP D 81 2.52 21.38 37.17
C TRP D 81 1.07 21.45 36.71
N ASP D 82 0.21 20.72 37.41
CA ASP D 82 -1.22 20.68 37.10
C ASP D 82 -1.52 20.36 35.64
N LEU D 83 -0.79 19.42 35.06
CA LEU D 83 -1.02 19.05 33.69
C LEU D 83 -2.32 18.25 33.60
N ALA D 84 -3.42 18.94 33.34
CA ALA D 84 -4.73 18.30 33.25
C ALA D 84 -5.13 18.11 31.79
N PRO D 85 -4.93 16.89 31.26
CA PRO D 85 -5.27 16.56 29.88
C PRO D 85 -6.77 16.44 29.68
N GLY D 86 -7.36 17.41 28.97
CA GLY D 86 -8.79 17.35 28.72
C GLY D 86 -9.04 16.70 27.37
N GLU D 87 -10.26 16.80 26.87
CA GLU D 87 -10.57 16.22 25.57
C GLU D 87 -10.68 17.32 24.53
N THR D 88 -10.90 18.54 25.02
CA THR D 88 -11.02 19.71 24.14
C THR D 88 -9.76 20.56 24.25
N PHE D 89 -9.18 20.61 25.44
CA PHE D 89 -7.96 21.37 25.69
C PHE D 89 -7.31 20.90 26.99
N PHE D 90 -6.12 21.43 27.27
CA PHE D 90 -5.40 21.07 28.49
C PHE D 90 -4.79 22.32 29.10
N SER D 91 -4.36 22.20 30.34
CA SER D 91 -3.74 23.33 31.05
C SER D 91 -2.53 22.85 31.85
N VAL D 92 -1.49 23.68 31.89
CA VAL D 92 -0.27 23.33 32.61
C VAL D 92 0.35 24.57 33.24
N THR D 93 1.06 24.36 34.34
CA THR D 93 1.74 25.44 35.04
C THR D 93 3.24 25.30 34.82
N LEU D 94 3.77 26.10 33.90
CA LEU D 94 5.19 26.08 33.58
C LEU D 94 5.89 27.24 34.29
N LYS D 95 7.12 27.53 33.89
CA LYS D 95 7.87 28.63 34.48
C LYS D 95 8.69 29.36 33.43
N PHE D 96 8.07 30.33 32.77
CA PHE D 96 8.75 31.12 31.73
C PHE D 96 10.05 31.74 32.26
N GLY D 97 10.08 32.04 33.56
CA GLY D 97 11.25 32.61 34.17
C GLY D 97 11.23 32.42 35.67
N GLY D 98 10.87 33.47 36.40
CA GLY D 98 10.80 33.38 37.84
C GLY D 98 9.42 32.93 38.28
N GLN D 99 8.53 33.89 38.50
CA GLN D 99 7.16 33.60 38.93
C GLN D 99 6.44 32.79 37.85
N PRO D 100 6.14 31.51 38.12
CA PRO D 100 5.46 30.62 37.17
C PRO D 100 4.09 31.11 36.71
N LYS D 101 3.64 30.59 35.56
CA LYS D 101 2.35 30.93 34.99
C LYS D 101 1.59 29.66 34.61
N ARG D 102 0.34 29.83 34.18
CA ARG D 102 -0.48 28.68 33.79
C ARG D 102 -1.18 28.95 32.46
N LEU D 103 -1.17 27.97 31.57
CA LEU D 103 -1.80 28.11 30.26
C LEU D 103 -2.98 27.17 30.06
N SER D 104 -3.49 27.15 28.84
CA SER D 104 -4.61 26.30 28.47
C SER D 104 -4.73 26.33 26.94
N VAL D 105 -4.17 25.30 26.29
CA VAL D 105 -4.20 25.22 24.84
C VAL D 105 -5.13 24.13 24.32
N PRO D 106 -6.08 24.51 23.43
CA PRO D 106 -7.03 23.55 22.85
C PRO D 106 -6.33 22.66 21.82
N TYR D 107 -6.66 21.37 21.83
CA TYR D 107 -6.05 20.44 20.90
C TYR D 107 -6.29 20.85 19.45
N ALA D 108 -7.24 21.75 19.24
CA ALA D 108 -7.56 22.22 17.90
C ALA D 108 -6.77 23.48 17.55
N ALA D 109 -5.81 23.84 18.39
CA ALA D 109 -4.98 25.01 18.17
C ALA D 109 -3.50 24.65 18.06
N LEU D 110 -3.22 23.34 18.06
CA LEU D 110 -1.85 22.85 17.97
C LEU D 110 -1.29 23.00 16.56
N THR D 111 0.02 23.20 16.48
CA THR D 111 0.69 23.37 15.19
C THR D 111 1.84 22.37 15.03
N ARG D 112 2.45 22.00 16.14
CA ARG D 112 3.55 21.05 16.12
C ARG D 112 3.69 20.24 17.40
N PHE D 113 4.38 19.12 17.28
CA PHE D 113 4.64 18.21 18.39
C PHE D 113 6.03 17.64 18.09
N TYR D 114 6.81 17.37 19.13
CA TYR D 114 8.14 16.85 18.89
C TYR D 114 8.82 16.29 20.14
N ASP D 115 9.32 15.07 20.03
CA ASP D 115 10.02 14.42 21.13
C ASP D 115 11.38 14.01 20.61
N PRO D 116 12.42 14.82 20.90
CA PRO D 116 13.79 14.59 20.48
C PRO D 116 14.41 13.25 20.87
N SER D 117 14.06 12.76 22.05
CA SER D 117 14.60 11.49 22.54
C SER D 117 14.34 10.32 21.59
N VAL D 118 13.41 10.51 20.66
CA VAL D 118 13.06 9.47 19.70
C VAL D 118 12.84 10.10 18.33
N GLN D 119 13.01 11.42 18.27
CA GLN D 119 12.84 12.18 17.04
C GLN D 119 11.47 11.94 16.39
N PHE D 120 10.43 11.92 17.23
CA PHE D 120 9.07 11.72 16.75
C PHE D 120 8.42 13.07 16.42
N ALA D 121 8.32 13.38 15.14
CA ALA D 121 7.72 14.64 14.71
C ALA D 121 6.25 14.45 14.42
N LEU D 122 5.50 15.54 14.48
CA LEU D 122 4.06 15.50 14.23
C LEU D 122 3.53 16.93 14.19
N GLN D 123 3.16 17.41 13.01
CA GLN D 123 2.65 18.77 12.86
C GLN D 123 1.23 18.83 12.29
N PHE D 124 0.63 20.01 12.36
CA PHE D 124 -0.73 20.22 11.87
C PHE D 124 -0.89 21.58 11.22
N SER D 125 -1.80 21.69 10.26
CA SER D 125 -2.05 22.95 9.58
C SER D 125 -3.27 23.65 10.15
#